data_1HJ6
#
_entry.id   1HJ6
#
_cell.length_a   102.300
_cell.length_b   102.300
_cell.length_c   150.500
_cell.angle_alpha   90.00
_cell.angle_beta   90.00
_cell.angle_gamma   90.00
#
_symmetry.space_group_name_H-M   'P 43 21 2'
#
loop_
_entity.id
_entity.type
_entity.pdbx_description
1 polymer 'ISOCITRATE DEHYDROGENASE'
2 non-polymer GLYCEROL
3 non-polymer '3-ISOPROPYLMALIC ACID'
4 non-polymer 'NADP NICOTINAMIDE-ADENINE-DINUCLEOTIDE PHOSPHATE'
5 non-polymer 'MAGNESIUM ION'
6 water water
#
_entity_poly.entity_id   1
_entity_poly.type   'polypeptide(L)'
_entity_poly.pdbx_seq_one_letter_code
;MESKVVVPAQGKKITLQNGKLNVPENPIIPYIEGDGIGVDVTPAMLKVVDAAVEKAYKGERKISWMEIYTGEKSTQVYGQ
DVWLPAETLDLIREYRVAIKGPLTTPVGGGIRELNVALRQELDLYICLRPVRYYQGTPSPVKHPELTDMVIFRENSEDIY
AGIEWKADSADAEKVIKFLREEMGVKKIRFPEHCGIGIKPCSEEGTKRLVRAAIEYAIANDRDSVTLVHKGNIMKFTEGA
FKDWGYQLAREEFGGELIDGGPWLKVKNPNTGKEIVIKDVIADAFLQQILLRPAEYDVIACMNLNGDYISDALAAQVGGI
GIAPGANIGDECALFEATHGTAPKYAGQDKVNPGSIILSAEMMLRHMGWTEAADLIVKGMEGAINAKTVTYDFERLMDGA
KLLKCSEFGDAIIENM
;
_entity_poly.pdbx_strand_id   A
#
loop_
_chem_comp.id
_chem_comp.type
_chem_comp.name
_chem_comp.formula
GOL non-polymer GLYCEROL 'C3 H8 O3'
IPM non-polymer '3-ISOPROPYLMALIC ACID' 'C7 H12 O5'
MG non-polymer 'MAGNESIUM ION' 'Mg 2'
NAP non-polymer 'NADP NICOTINAMIDE-ADENINE-DINUCLEOTIDE PHOSPHATE' 'C21 H28 N7 O17 P3'
#
# COMPACT_ATOMS: atom_id res chain seq x y z
N SER A 3 30.03 -2.13 -0.19
CA SER A 3 28.74 -1.42 -0.48
C SER A 3 28.93 -0.36 -1.55
N LYS A 4 27.95 -0.23 -2.42
CA LYS A 4 28.02 0.78 -3.49
C LYS A 4 27.10 1.95 -3.18
N VAL A 5 26.48 1.92 -2.00
CA VAL A 5 25.58 2.98 -1.57
C VAL A 5 26.41 4.15 -1.04
N VAL A 6 26.02 5.37 -1.41
CA VAL A 6 26.72 6.56 -0.95
C VAL A 6 25.83 7.37 0.00
N VAL A 7 26.25 7.46 1.26
CA VAL A 7 25.49 8.20 2.26
C VAL A 7 25.66 9.70 2.00
N PRO A 8 24.54 10.41 1.80
CA PRO A 8 24.58 11.85 1.56
C PRO A 8 25.43 12.61 2.58
N ALA A 9 26.28 13.50 2.08
CA ALA A 9 27.18 14.28 2.92
C ALA A 9 26.48 15.36 3.76
N GLN A 10 25.54 16.07 3.16
CA GLN A 10 24.84 17.14 3.86
C GLN A 10 23.49 16.77 4.48
N GLY A 11 23.23 15.47 4.62
CA GLY A 11 21.97 15.06 5.20
C GLY A 11 22.12 14.45 6.58
N LYS A 12 21.01 14.28 7.28
CA LYS A 12 21.02 13.70 8.62
C LYS A 12 19.97 12.60 8.73
N LYS A 13 20.29 11.57 9.51
CA LYS A 13 19.37 10.45 9.70
C LYS A 13 18.17 10.74 10.61
N ILE A 14 17.00 10.27 10.20
CA ILE A 14 15.78 10.43 10.98
C ILE A 14 15.82 9.45 12.13
N THR A 15 15.35 9.87 13.29
CA THR A 15 15.35 8.98 14.46
C THR A 15 13.94 8.80 14.98
N LEU A 16 13.72 7.68 15.67
CA LEU A 16 12.42 7.38 16.23
C LEU A 16 12.56 7.36 17.75
N GLN A 17 11.95 8.34 18.40
CA GLN A 17 12.02 8.43 19.85
C GLN A 17 10.62 8.39 20.47
N ASN A 18 10.39 7.36 21.30
CA ASN A 18 9.11 7.19 21.97
C ASN A 18 8.01 6.96 20.93
N GLY A 19 8.32 6.15 19.92
CA GLY A 19 7.35 5.87 18.89
C GLY A 19 7.00 7.09 18.07
N LYS A 20 7.76 8.15 18.24
CA LYS A 20 7.52 9.38 17.49
C LYS A 20 8.75 9.71 16.65
N LEU A 21 8.52 10.05 15.39
CA LEU A 21 9.60 10.37 14.47
C LEU A 21 10.22 11.74 14.76
N ASN A 22 11.55 11.79 14.72
CA ASN A 22 12.29 13.01 14.92
C ASN A 22 12.95 13.29 13.58
N VAL A 23 12.29 14.12 12.78
CA VAL A 23 12.76 14.45 11.45
C VAL A 23 13.57 15.74 11.34
N PRO A 24 14.84 15.63 10.91
CA PRO A 24 15.68 16.82 10.77
C PRO A 24 15.21 17.65 9.57
N GLU A 25 15.84 18.80 9.32
CA GLU A 25 15.43 19.63 8.19
C GLU A 25 16.16 19.19 6.92
N ASN A 26 17.14 18.31 7.09
CA ASN A 26 17.92 17.77 5.99
C ASN A 26 17.94 16.25 6.17
N PRO A 27 16.76 15.61 6.13
CA PRO A 27 16.71 14.16 6.31
C PRO A 27 17.20 13.37 5.11
N ILE A 28 17.88 12.26 5.39
CA ILE A 28 18.38 11.38 4.37
C ILE A 28 17.25 10.38 4.10
N ILE A 29 16.77 10.33 2.86
CA ILE A 29 15.69 9.42 2.50
C ILE A 29 16.15 8.42 1.46
N PRO A 30 16.27 7.13 1.84
CA PRO A 30 16.70 6.13 0.86
C PRO A 30 15.57 5.89 -0.15
N TYR A 31 15.93 5.56 -1.38
CA TYR A 31 14.92 5.29 -2.39
C TYR A 31 15.39 4.23 -3.37
N ILE A 32 14.45 3.44 -3.86
CA ILE A 32 14.72 2.38 -4.83
C ILE A 32 14.05 2.82 -6.13
N GLU A 33 14.84 2.93 -7.19
CA GLU A 33 14.34 3.36 -8.49
C GLU A 33 13.17 2.52 -8.99
N GLY A 34 13.33 1.20 -8.96
CA GLY A 34 12.28 0.31 -9.41
C GLY A 34 12.53 -0.19 -10.82
N ASP A 35 12.01 -1.37 -11.15
CA ASP A 35 12.16 -1.96 -12.48
C ASP A 35 11.16 -1.33 -13.44
N GLY A 36 11.26 -1.69 -14.72
CA GLY A 36 10.35 -1.18 -15.74
C GLY A 36 10.08 0.31 -15.74
N ILE A 37 8.81 0.69 -15.60
CA ILE A 37 8.43 2.09 -15.61
C ILE A 37 9.00 2.87 -14.41
N GLY A 38 9.50 2.13 -13.41
CA GLY A 38 10.08 2.78 -12.25
C GLY A 38 11.14 3.76 -12.73
N VAL A 39 11.71 3.45 -13.89
CA VAL A 39 12.73 4.30 -14.48
C VAL A 39 12.13 5.61 -14.99
N ASP A 40 10.80 5.62 -15.17
CA ASP A 40 10.11 6.80 -15.66
C ASP A 40 9.50 7.60 -14.50
N VAL A 41 8.72 6.94 -13.66
CA VAL A 41 8.04 7.60 -12.55
C VAL A 41 8.91 8.10 -11.39
N THR A 42 9.96 7.36 -11.05
CA THR A 42 10.81 7.77 -9.94
C THR A 42 11.46 9.13 -10.14
N PRO A 43 12.05 9.39 -11.32
CA PRO A 43 12.68 10.70 -11.54
C PRO A 43 11.67 11.83 -11.44
N ALA A 44 10.45 11.58 -11.91
CA ALA A 44 9.40 12.58 -11.85
C ALA A 44 9.03 12.86 -10.39
N MET A 45 8.99 11.80 -9.58
CA MET A 45 8.67 11.91 -8.16
C MET A 45 9.71 12.74 -7.41
N LEU A 46 10.98 12.45 -7.64
CA LEU A 46 12.07 13.18 -6.96
C LEU A 46 12.00 14.67 -7.24
N LYS A 47 11.71 15.02 -8.50
CA LYS A 47 11.61 16.43 -8.90
C LYS A 47 10.40 17.12 -8.29
N VAL A 48 9.26 16.44 -8.30
CA VAL A 48 8.05 17.00 -7.75
C VAL A 48 8.16 17.17 -6.23
N VAL A 49 8.78 16.20 -5.56
CA VAL A 49 8.94 16.28 -4.11
C VAL A 49 9.90 17.41 -3.76
N ASP A 50 11.04 17.46 -4.44
CA ASP A 50 12.03 18.50 -4.20
C ASP A 50 11.41 19.89 -4.39
N ALA A 51 10.52 20.01 -5.36
CA ALA A 51 9.84 21.27 -5.63
C ALA A 51 8.86 21.63 -4.53
N ALA A 52 8.08 20.64 -4.09
CA ALA A 52 7.09 20.86 -3.05
C ALA A 52 7.78 21.29 -1.75
N VAL A 53 8.89 20.63 -1.43
CA VAL A 53 9.65 20.93 -0.23
C VAL A 53 10.30 22.30 -0.31
N GLU A 54 10.90 22.59 -1.46
CA GLU A 54 11.56 23.86 -1.70
C GLU A 54 10.61 25.04 -1.60
N LYS A 55 9.41 24.87 -2.15
CA LYS A 55 8.41 25.92 -2.14
C LYS A 55 7.69 26.10 -0.80
N ALA A 56 7.47 25.00 -0.10
CA ALA A 56 6.78 25.04 1.18
C ALA A 56 7.61 25.66 2.31
N TYR A 57 8.88 25.27 2.41
CA TYR A 57 9.75 25.78 3.46
C TYR A 57 10.84 26.73 2.96
N LYS A 58 10.58 27.32 1.79
CA LYS A 58 11.48 28.27 1.15
C LYS A 58 12.97 28.01 1.35
N GLY A 59 13.39 26.77 1.20
CA GLY A 59 14.80 26.46 1.36
C GLY A 59 15.23 26.06 2.76
N GLU A 60 14.35 26.22 3.74
CA GLU A 60 14.70 25.85 5.11
C GLU A 60 14.89 24.34 5.23
N ARG A 61 14.06 23.57 4.54
CA ARG A 61 14.16 22.11 4.59
C ARG A 61 14.54 21.52 3.23
N LYS A 62 15.21 20.38 3.24
CA LYS A 62 15.61 19.71 2.01
C LYS A 62 15.95 18.23 2.23
N ILE A 63 15.47 17.37 1.32
CA ILE A 63 15.72 15.94 1.45
C ILE A 63 17.02 15.51 0.79
N SER A 64 17.76 14.66 1.48
CA SER A 64 19.02 14.13 0.97
C SER A 64 18.74 12.71 0.48
N TRP A 65 18.41 12.59 -0.80
CA TRP A 65 18.11 11.29 -1.38
C TRP A 65 19.33 10.39 -1.40
N MET A 66 19.12 9.12 -1.08
CA MET A 66 20.20 8.13 -1.06
C MET A 66 19.69 6.87 -1.78
N GLU A 67 20.19 6.64 -2.99
CA GLU A 67 19.74 5.48 -3.74
C GLU A 67 20.24 4.16 -3.18
N ILE A 68 19.32 3.21 -3.02
CA ILE A 68 19.65 1.87 -2.55
C ILE A 68 19.12 0.90 -3.61
N TYR A 69 19.61 -0.33 -3.62
CA TYR A 69 19.23 -1.26 -4.66
C TYR A 69 18.44 -2.52 -4.33
N THR A 70 17.65 -2.94 -5.30
CA THR A 70 16.84 -4.15 -5.20
C THR A 70 16.38 -4.50 -6.60
N GLY A 71 16.37 -5.80 -6.91
CA GLY A 71 15.94 -6.23 -8.23
C GLY A 71 17.02 -6.22 -9.29
N GLU A 72 16.63 -5.96 -10.53
CA GLU A 72 17.55 -5.94 -11.66
C GLU A 72 18.76 -5.03 -11.46
N LYS A 73 18.52 -3.77 -11.12
CA LYS A 73 19.61 -2.81 -10.93
C LYS A 73 20.58 -3.28 -9.85
N SER A 74 20.07 -4.00 -8.87
CA SER A 74 20.94 -4.50 -7.80
C SER A 74 21.94 -5.50 -8.39
N THR A 75 21.47 -6.31 -9.34
CA THR A 75 22.34 -7.30 -9.98
C THR A 75 23.42 -6.56 -10.78
N GLN A 76 23.02 -5.46 -11.41
CA GLN A 76 23.96 -4.66 -12.19
C GLN A 76 25.03 -4.07 -11.27
N VAL A 77 24.60 -3.63 -10.10
CA VAL A 77 25.49 -3.00 -9.12
C VAL A 77 26.30 -3.98 -8.27
N TYR A 78 25.62 -4.90 -7.62
CA TYR A 78 26.30 -5.85 -6.75
C TYR A 78 26.64 -7.20 -7.39
N GLY A 79 26.17 -7.41 -8.60
CA GLY A 79 26.49 -8.65 -9.27
C GLY A 79 25.34 -9.64 -9.40
N GLN A 80 25.58 -10.65 -10.24
CA GLN A 80 24.61 -11.70 -10.51
C GLN A 80 24.16 -12.40 -9.23
N ASP A 81 22.86 -12.65 -9.14
CA ASP A 81 22.26 -13.31 -7.99
C ASP A 81 21.92 -12.40 -6.80
N VAL A 82 22.53 -11.21 -6.75
CA VAL A 82 22.26 -10.27 -5.67
C VAL A 82 21.01 -9.48 -6.03
N TRP A 83 19.84 -10.05 -5.77
CA TRP A 83 18.59 -9.39 -6.10
C TRP A 83 18.10 -8.50 -4.97
N LEU A 84 18.40 -8.89 -3.74
CA LEU A 84 17.99 -8.11 -2.57
C LEU A 84 19.12 -8.13 -1.55
N PRO A 85 20.00 -7.12 -1.59
CA PRO A 85 21.12 -7.05 -0.65
C PRO A 85 20.66 -6.85 0.79
N ALA A 86 21.39 -7.45 1.72
CA ALA A 86 21.07 -7.34 3.13
C ALA A 86 21.14 -5.88 3.57
N GLU A 87 22.09 -5.13 3.02
CA GLU A 87 22.25 -3.73 3.38
C GLU A 87 20.99 -2.93 3.06
N THR A 88 20.27 -3.34 2.02
CA THR A 88 19.05 -2.64 1.63
C THR A 88 18.04 -2.69 2.76
N LEU A 89 17.91 -3.86 3.38
CA LEU A 89 16.98 -4.02 4.47
C LEU A 89 17.52 -3.26 5.68
N ASP A 90 18.83 -3.36 5.88
CA ASP A 90 19.49 -2.68 6.98
C ASP A 90 19.26 -1.16 6.89
N LEU A 91 19.45 -0.62 5.70
CA LEU A 91 19.31 0.81 5.47
C LEU A 91 17.90 1.36 5.65
N ILE A 92 16.89 0.60 5.22
CA ILE A 92 15.51 1.05 5.35
C ILE A 92 15.13 1.14 6.82
N ARG A 93 15.53 0.14 7.58
CA ARG A 93 15.24 0.11 9.01
C ARG A 93 16.00 1.21 9.77
N GLU A 94 17.24 1.46 9.34
CA GLU A 94 18.08 2.47 9.97
C GLU A 94 17.69 3.92 9.70
N TYR A 95 17.20 4.21 8.49
CA TYR A 95 16.81 5.57 8.16
C TYR A 95 15.31 5.83 8.33
N ARG A 96 14.60 4.82 8.81
CA ARG A 96 13.18 4.89 9.12
C ARG A 96 12.15 5.17 8.03
N VAL A 97 12.50 5.99 7.05
CA VAL A 97 11.55 6.32 6.00
C VAL A 97 12.20 6.17 4.63
N ALA A 98 11.52 5.44 3.75
CA ALA A 98 12.04 5.20 2.41
C ALA A 98 10.90 5.08 1.41
N ILE A 99 11.25 5.18 0.13
CA ILE A 99 10.26 5.08 -0.93
C ILE A 99 10.84 4.20 -2.03
N LYS A 100 9.99 3.50 -2.76
CA LYS A 100 10.45 2.63 -3.83
C LYS A 100 9.55 2.65 -5.06
N GLY A 101 10.17 2.43 -6.21
CA GLY A 101 9.41 2.36 -7.44
C GLY A 101 8.94 0.91 -7.56
N PRO A 102 8.29 0.52 -8.67
CA PRO A 102 7.82 -0.85 -8.84
C PRO A 102 8.95 -1.87 -9.00
N LEU A 103 8.71 -3.10 -8.55
CA LEU A 103 9.72 -4.14 -8.64
C LEU A 103 9.15 -5.41 -9.27
N THR A 104 9.97 -6.10 -10.07
CA THR A 104 9.53 -7.35 -10.67
C THR A 104 10.50 -8.48 -10.29
N THR A 105 9.95 -9.64 -9.98
CA THR A 105 10.77 -10.79 -9.60
C THR A 105 10.95 -11.70 -10.82
N PRO A 106 12.20 -12.13 -11.07
CA PRO A 106 12.46 -13.02 -12.22
C PRO A 106 11.77 -14.37 -12.07
N VAL A 107 11.61 -15.07 -13.19
CA VAL A 107 10.98 -16.37 -13.19
C VAL A 107 11.98 -17.43 -12.72
N GLY A 108 11.61 -18.15 -11.66
CA GLY A 108 12.48 -19.17 -11.11
C GLY A 108 13.69 -18.62 -10.38
N GLY A 109 14.80 -19.34 -10.47
CA GLY A 109 16.02 -18.92 -9.80
C GLY A 109 15.88 -19.06 -8.30
N GLY A 110 14.76 -19.64 -7.87
CA GLY A 110 14.53 -19.82 -6.45
C GLY A 110 14.47 -18.45 -5.77
N ILE A 111 14.09 -17.43 -6.53
CA ILE A 111 13.99 -16.08 -6.00
C ILE A 111 12.57 -15.84 -5.52
N ARG A 112 12.42 -15.37 -4.28
CA ARG A 112 11.09 -15.09 -3.76
C ARG A 112 10.64 -13.70 -4.19
N GLU A 113 9.33 -13.50 -4.28
CA GLU A 113 8.78 -12.21 -4.70
C GLU A 113 9.45 -11.09 -3.89
N LEU A 114 10.18 -10.24 -4.60
CA LEU A 114 10.93 -9.15 -3.98
C LEU A 114 10.13 -8.11 -3.19
N ASN A 115 8.92 -7.80 -3.63
CA ASN A 115 8.10 -6.82 -2.93
C ASN A 115 7.63 -7.40 -1.61
N VAL A 116 7.20 -8.66 -1.63
CA VAL A 116 6.72 -9.31 -0.43
C VAL A 116 7.89 -9.56 0.52
N ALA A 117 9.07 -9.79 -0.05
CA ALA A 117 10.28 -10.03 0.75
C ALA A 117 10.59 -8.78 1.59
N LEU A 118 10.52 -7.61 0.95
CA LEU A 118 10.79 -6.36 1.65
C LEU A 118 9.81 -6.14 2.80
N ARG A 119 8.52 -6.30 2.53
CA ARG A 119 7.48 -6.13 3.54
C ARG A 119 7.60 -7.09 4.71
N GLN A 120 7.85 -8.35 4.39
CA GLN A 120 7.96 -9.36 5.43
C GLN A 120 9.27 -9.36 6.20
N GLU A 121 10.37 -9.07 5.51
CA GLU A 121 11.66 -9.02 6.17
C GLU A 121 11.71 -7.85 7.15
N LEU A 122 11.02 -6.77 6.81
CA LEU A 122 11.01 -5.58 7.67
C LEU A 122 9.77 -5.55 8.57
N ASP A 123 8.96 -6.59 8.48
CA ASP A 123 7.74 -6.70 9.26
C ASP A 123 6.83 -5.47 9.16
N LEU A 124 6.67 -4.96 7.95
CA LEU A 124 5.79 -3.81 7.70
C LEU A 124 4.40 -4.42 7.52
N TYR A 125 3.77 -4.76 8.64
CA TYR A 125 2.47 -5.42 8.66
C TYR A 125 1.27 -4.62 8.16
N ILE A 126 1.46 -3.34 7.90
CA ILE A 126 0.36 -2.52 7.41
C ILE A 126 0.56 -2.09 5.97
N CYS A 127 -0.42 -2.35 5.13
CA CYS A 127 -0.35 -1.89 3.75
C CYS A 127 -1.46 -0.84 3.70
N LEU A 128 -1.06 0.42 3.77
CA LEU A 128 -1.99 1.54 3.77
C LEU A 128 -2.19 2.10 2.37
N ARG A 129 -3.42 1.96 1.85
CA ARG A 129 -3.71 2.47 0.51
C ARG A 129 -4.99 3.32 0.49
N PRO A 130 -4.82 4.64 0.55
CA PRO A 130 -5.98 5.54 0.53
C PRO A 130 -6.46 5.73 -0.90
N VAL A 131 -7.76 5.73 -1.09
CA VAL A 131 -8.33 5.89 -2.42
C VAL A 131 -9.40 6.97 -2.36
N ARG A 132 -9.18 8.05 -3.09
CA ARG A 132 -10.12 9.16 -3.12
C ARG A 132 -10.10 9.79 -4.50
N TYR A 133 -11.17 10.51 -4.83
CA TYR A 133 -11.29 11.14 -6.14
C TYR A 133 -10.63 12.52 -6.23
N TYR A 134 -10.02 12.78 -7.39
CA TYR A 134 -9.37 14.06 -7.66
C TYR A 134 -10.15 14.74 -8.77
N GLN A 135 -10.71 15.91 -8.43
CA GLN A 135 -11.52 16.69 -9.37
C GLN A 135 -10.93 16.75 -10.77
N GLY A 136 -11.73 16.36 -11.76
CA GLY A 136 -11.28 16.39 -13.13
C GLY A 136 -10.74 15.07 -13.63
N THR A 137 -10.58 14.10 -12.74
CA THR A 137 -10.07 12.79 -13.13
C THR A 137 -11.14 12.01 -13.90
N PRO A 138 -10.81 11.54 -15.11
CA PRO A 138 -11.77 10.78 -15.92
C PRO A 138 -12.02 9.41 -15.29
N SER A 139 -13.25 9.15 -14.87
CA SER A 139 -13.59 7.87 -14.25
C SER A 139 -14.68 7.13 -15.01
N PRO A 140 -14.68 5.80 -14.93
CA PRO A 140 -15.70 5.01 -15.62
C PRO A 140 -17.03 5.01 -14.88
N VAL A 141 -17.02 5.40 -13.61
CA VAL A 141 -18.26 5.43 -12.85
C VAL A 141 -18.92 6.80 -12.95
N LYS A 142 -20.16 6.91 -12.48
CA LYS A 142 -20.91 8.15 -12.55
C LYS A 142 -20.63 9.13 -11.41
N HIS A 143 -20.30 8.63 -10.23
CA HIS A 143 -20.03 9.51 -9.11
C HIS A 143 -18.78 9.15 -8.32
N PRO A 144 -17.61 9.24 -8.96
CA PRO A 144 -16.35 8.92 -8.31
C PRO A 144 -16.13 9.73 -7.03
N GLU A 145 -16.73 10.91 -6.98
CA GLU A 145 -16.60 11.78 -5.83
C GLU A 145 -17.16 11.13 -4.56
N LEU A 146 -17.97 10.10 -4.73
CA LEU A 146 -18.54 9.41 -3.59
C LEU A 146 -17.53 8.45 -2.98
N THR A 147 -16.45 8.17 -3.70
CA THR A 147 -15.42 7.27 -3.22
C THR A 147 -14.31 7.97 -2.43
N ASP A 148 -14.25 7.69 -1.14
CA ASP A 148 -13.23 8.27 -0.27
C ASP A 148 -12.98 7.27 0.83
N MET A 149 -12.13 6.29 0.54
CA MET A 149 -11.82 5.26 1.52
C MET A 149 -10.34 5.10 1.79
N VAL A 150 -10.03 4.41 2.90
CA VAL A 150 -8.66 4.16 3.28
C VAL A 150 -8.53 2.68 3.62
N ILE A 151 -7.73 1.95 2.86
CA ILE A 151 -7.55 0.53 3.09
C ILE A 151 -6.40 0.18 4.02
N PHE A 152 -6.70 -0.63 5.02
CA PHE A 152 -5.71 -1.12 5.95
C PHE A 152 -5.65 -2.61 5.64
N ARG A 153 -4.64 -2.99 4.86
CA ARG A 153 -4.48 -4.37 4.44
C ARG A 153 -3.40 -5.07 5.26
N GLU A 154 -3.75 -6.20 5.89
CA GLU A 154 -2.79 -6.96 6.69
C GLU A 154 -1.70 -7.35 5.70
N ASN A 155 -0.45 -7.10 6.09
CA ASN A 155 0.70 -7.31 5.20
C ASN A 155 1.72 -8.39 5.58
N SER A 156 1.43 -9.20 6.59
CA SER A 156 2.43 -10.19 7.00
C SER A 156 2.02 -11.66 6.99
N GLU A 157 0.73 -11.94 6.85
CA GLU A 157 0.30 -13.34 6.82
C GLU A 157 -0.61 -13.66 5.65
N ASP A 158 -1.63 -14.48 5.92
CA ASP A 158 -2.54 -14.93 4.88
C ASP A 158 -1.76 -15.82 3.92
N ILE A 159 -2.32 -16.06 2.74
CA ILE A 159 -1.69 -16.90 1.74
C ILE A 159 -0.33 -16.38 1.27
N TYR A 160 -0.03 -15.12 1.62
CA TYR A 160 1.23 -14.49 1.24
C TYR A 160 2.43 -15.05 2.04
N ALA A 161 2.15 -15.94 2.98
CA ALA A 161 3.22 -16.54 3.76
C ALA A 161 4.13 -17.35 2.82
N GLY A 162 3.63 -17.66 1.63
CA GLY A 162 4.42 -18.38 0.65
C GLY A 162 4.64 -19.86 0.95
N ILE A 163 3.75 -20.46 1.73
CA ILE A 163 3.86 -21.86 2.08
C ILE A 163 3.04 -22.71 1.09
N GLU A 164 3.71 -23.35 0.15
CA GLU A 164 3.05 -24.17 -0.84
C GLU A 164 4.01 -25.18 -1.47
N TRP A 165 3.45 -26.25 -2.03
CA TRP A 165 4.25 -27.29 -2.66
C TRP A 165 3.68 -27.67 -4.04
N LYS A 166 4.58 -27.91 -4.98
CA LYS A 166 4.19 -28.26 -6.35
C LYS A 166 3.49 -29.60 -6.50
N ALA A 167 2.55 -29.67 -7.44
CA ALA A 167 1.81 -30.89 -7.68
C ALA A 167 2.78 -32.00 -8.06
N ASP A 168 2.55 -33.20 -7.53
CA ASP A 168 3.38 -34.37 -7.82
C ASP A 168 4.76 -34.35 -7.18
N SER A 169 5.08 -33.28 -6.47
CA SER A 169 6.38 -33.18 -5.81
C SER A 169 6.34 -34.13 -4.62
N ALA A 170 7.51 -34.51 -4.13
CA ALA A 170 7.59 -35.41 -2.97
C ALA A 170 7.01 -34.72 -1.74
N ASP A 171 7.28 -33.42 -1.60
CA ASP A 171 6.78 -32.64 -0.48
C ASP A 171 5.26 -32.60 -0.50
N ALA A 172 4.70 -32.27 -1.66
CA ALA A 172 3.25 -32.19 -1.81
C ALA A 172 2.60 -33.51 -1.42
N GLU A 173 3.15 -34.62 -1.90
CA GLU A 173 2.63 -35.93 -1.59
C GLU A 173 2.77 -36.22 -0.11
N LYS A 174 3.88 -35.79 0.47
CA LYS A 174 4.12 -35.97 1.90
C LYS A 174 3.08 -35.21 2.73
N VAL A 175 2.80 -33.97 2.32
CA VAL A 175 1.82 -33.16 3.02
C VAL A 175 0.42 -33.75 2.85
N ILE A 176 0.08 -34.12 1.61
CA ILE A 176 -1.22 -34.69 1.33
C ILE A 176 -1.41 -36.01 2.05
N LYS A 177 -0.32 -36.76 2.22
CA LYS A 177 -0.38 -38.04 2.91
C LYS A 177 -0.67 -37.81 4.39
N PHE A 178 -0.07 -36.77 4.95
CA PHE A 178 -0.27 -36.43 6.35
C PHE A 178 -1.71 -35.97 6.61
N LEU A 179 -2.24 -35.15 5.70
CA LEU A 179 -3.60 -34.65 5.83
C LEU A 179 -4.65 -35.76 5.79
N ARG A 180 -4.52 -36.64 4.82
CA ARG A 180 -5.46 -37.74 4.67
C ARG A 180 -5.28 -38.83 5.71
N GLU A 181 -4.04 -39.22 5.95
CA GLU A 181 -3.75 -40.27 6.93
C GLU A 181 -3.81 -39.84 8.38
N GLU A 182 -3.04 -38.81 8.75
CA GLU A 182 -3.00 -38.32 10.12
C GLU A 182 -4.12 -37.38 10.55
N MET A 183 -4.56 -36.49 9.65
CA MET A 183 -5.63 -35.56 10.01
C MET A 183 -6.98 -36.07 9.54
N GLY A 184 -6.97 -37.19 8.83
CA GLY A 184 -8.21 -37.78 8.34
C GLY A 184 -9.02 -36.93 7.39
N VAL A 185 -8.35 -36.08 6.63
CA VAL A 185 -9.03 -35.21 5.68
C VAL A 185 -9.52 -36.01 4.48
N LYS A 186 -10.81 -35.91 4.19
CA LYS A 186 -11.41 -36.61 3.06
C LYS A 186 -11.97 -35.60 2.07
N LYS A 187 -11.65 -34.33 2.29
CA LYS A 187 -12.16 -33.25 1.45
C LYS A 187 -11.44 -32.91 0.16
N ILE A 188 -10.25 -33.45 -0.06
CA ILE A 188 -9.51 -33.16 -1.28
C ILE A 188 -10.14 -33.91 -2.46
N ARG A 189 -10.79 -33.17 -3.36
CA ARG A 189 -11.45 -33.79 -4.51
C ARG A 189 -10.53 -34.64 -5.38
N PHE A 190 -9.35 -34.12 -5.68
CA PHE A 190 -8.38 -34.83 -6.50
C PHE A 190 -7.02 -34.73 -5.82
N PRO A 191 -6.66 -35.73 -5.00
CA PRO A 191 -5.36 -35.69 -4.33
C PRO A 191 -4.15 -35.92 -5.24
N GLU A 192 -4.40 -36.41 -6.46
CA GLU A 192 -3.32 -36.66 -7.42
C GLU A 192 -3.03 -35.44 -8.26
N HIS A 193 -1.76 -35.20 -8.56
CA HIS A 193 -1.36 -34.03 -9.35
C HIS A 193 -2.05 -32.82 -8.74
N CYS A 194 -1.90 -32.70 -7.43
CA CYS A 194 -2.54 -31.64 -6.67
C CYS A 194 -1.54 -30.72 -5.97
N GLY A 195 -1.64 -29.42 -6.28
CA GLY A 195 -0.77 -28.45 -5.62
C GLY A 195 -1.41 -28.12 -4.29
N ILE A 196 -0.60 -27.75 -3.31
CA ILE A 196 -1.10 -27.41 -1.98
C ILE A 196 -0.53 -26.10 -1.43
N GLY A 197 -1.42 -25.27 -0.87
CA GLY A 197 -1.01 -24.00 -0.30
C GLY A 197 -1.56 -23.87 1.11
N ILE A 198 -0.82 -23.22 2.00
CA ILE A 198 -1.25 -23.06 3.39
C ILE A 198 -1.63 -21.60 3.68
N LYS A 199 -2.76 -21.41 4.37
CA LYS A 199 -3.24 -20.08 4.72
C LYS A 199 -3.34 -19.88 6.22
N PRO A 200 -2.36 -19.17 6.81
CA PRO A 200 -2.36 -18.89 8.25
C PRO A 200 -2.96 -17.51 8.61
N CYS A 201 -3.67 -17.45 9.73
CA CYS A 201 -4.25 -16.20 10.22
C CYS A 201 -4.20 -16.24 11.74
N SER A 202 -3.41 -15.36 12.33
CA SER A 202 -3.25 -15.34 13.78
C SER A 202 -3.99 -14.20 14.48
N GLU A 203 -4.17 -14.36 15.79
CA GLU A 203 -4.84 -13.34 16.58
C GLU A 203 -3.98 -12.08 16.68
N GLU A 204 -2.68 -12.24 16.88
CA GLU A 204 -1.78 -11.09 16.99
C GLU A 204 -1.59 -10.36 15.65
N GLY A 205 -1.57 -11.11 14.56
CA GLY A 205 -1.43 -10.49 13.25
C GLY A 205 -2.67 -9.68 12.91
N THR A 206 -3.82 -10.26 13.23
CA THR A 206 -5.09 -9.61 12.97
C THR A 206 -5.26 -8.36 13.80
N LYS A 207 -5.05 -8.48 15.11
CA LYS A 207 -5.25 -7.35 16.01
C LYS A 207 -4.32 -6.16 15.85
N ARG A 208 -3.05 -6.39 15.49
CA ARG A 208 -2.16 -5.24 15.32
C ARG A 208 -2.57 -4.45 14.07
N LEU A 209 -3.19 -5.12 13.11
CA LEU A 209 -3.65 -4.45 11.88
C LEU A 209 -4.93 -3.66 12.17
N VAL A 210 -5.91 -4.33 12.78
CA VAL A 210 -7.17 -3.68 13.10
C VAL A 210 -6.96 -2.52 14.07
N ARG A 211 -6.06 -2.69 15.04
CA ARG A 211 -5.75 -1.64 16.01
C ARG A 211 -5.32 -0.38 15.27
N ALA A 212 -4.40 -0.54 14.32
CA ALA A 212 -3.92 0.56 13.50
C ALA A 212 -5.05 1.21 12.71
N ALA A 213 -5.97 0.39 12.22
CA ALA A 213 -7.09 0.91 11.44
C ALA A 213 -8.02 1.76 12.29
N ILE A 214 -8.37 1.27 13.48
CA ILE A 214 -9.27 2.01 14.36
C ILE A 214 -8.60 3.29 14.85
N GLU A 215 -7.32 3.20 15.18
CA GLU A 215 -6.59 4.37 15.65
C GLU A 215 -6.53 5.42 14.56
N TYR A 216 -6.46 4.99 13.31
CA TYR A 216 -6.41 5.92 12.19
C TYR A 216 -7.77 6.57 12.02
N ALA A 217 -8.83 5.80 12.27
CA ALA A 217 -10.19 6.31 12.15
C ALA A 217 -10.39 7.40 13.20
N ILE A 218 -9.90 7.13 14.41
CA ILE A 218 -10.00 8.07 15.52
C ILE A 218 -9.12 9.29 15.25
N ALA A 219 -7.88 9.03 14.84
CA ALA A 219 -6.93 10.09 14.56
C ALA A 219 -7.37 11.02 13.44
N ASN A 220 -8.15 10.52 12.51
CA ASN A 220 -8.60 11.35 11.40
C ASN A 220 -10.11 11.54 11.35
N ASP A 221 -10.76 11.25 12.45
CA ASP A 221 -12.22 11.38 12.56
C ASP A 221 -12.98 10.80 11.37
N ARG A 222 -12.76 9.52 11.10
CA ARG A 222 -13.46 8.84 10.00
C ARG A 222 -14.79 8.35 10.54
N ASP A 223 -15.73 8.06 9.65
CA ASP A 223 -17.05 7.62 10.05
C ASP A 223 -17.19 6.15 10.46
N SER A 224 -16.38 5.27 9.86
CA SER A 224 -16.48 3.86 10.19
C SER A 224 -15.29 3.01 9.73
N VAL A 225 -15.22 1.80 10.30
CA VAL A 225 -14.20 0.83 9.97
C VAL A 225 -14.98 -0.42 9.55
N THR A 226 -14.74 -0.89 8.34
CA THR A 226 -15.45 -2.08 7.86
C THR A 226 -14.50 -3.25 7.73
N LEU A 227 -14.81 -4.34 8.42
CA LEU A 227 -14.00 -5.54 8.35
C LEU A 227 -14.52 -6.37 7.16
N VAL A 228 -13.70 -6.49 6.12
CA VAL A 228 -14.08 -7.26 4.94
C VAL A 228 -13.46 -8.65 5.04
N HIS A 229 -14.28 -9.67 4.83
CA HIS A 229 -13.82 -11.06 4.99
C HIS A 229 -14.74 -11.99 4.23
N LYS A 230 -14.31 -13.24 4.10
CA LYS A 230 -15.10 -14.28 3.46
C LYS A 230 -15.25 -15.35 4.53
N GLY A 231 -15.69 -14.91 5.70
CA GLY A 231 -15.83 -15.78 6.85
C GLY A 231 -16.86 -16.90 6.78
N ASN A 232 -17.83 -16.80 5.88
CA ASN A 232 -18.84 -17.85 5.78
C ASN A 232 -18.24 -19.14 5.21
N ILE A 233 -17.11 -19.02 4.52
CA ILE A 233 -16.46 -20.19 3.92
C ILE A 233 -15.16 -20.53 4.63
N MET A 234 -14.40 -19.52 5.01
CA MET A 234 -13.14 -19.72 5.71
C MET A 234 -13.35 -19.26 7.15
N LYS A 235 -14.03 -20.11 7.91
CA LYS A 235 -14.37 -19.83 9.31
C LYS A 235 -13.23 -19.57 10.27
N PHE A 236 -12.16 -20.34 10.14
CA PHE A 236 -11.03 -20.23 11.07
C PHE A 236 -9.90 -19.30 10.69
N THR A 237 -10.04 -18.63 9.55
CA THR A 237 -9.03 -17.68 9.12
C THR A 237 -9.72 -16.35 8.89
N GLU A 238 -10.51 -16.26 7.82
CA GLU A 238 -11.23 -15.02 7.52
C GLU A 238 -12.27 -14.73 8.59
N GLY A 239 -12.93 -15.78 9.08
CA GLY A 239 -13.94 -15.62 10.11
C GLY A 239 -13.30 -15.22 11.43
N ALA A 240 -12.12 -15.75 11.69
CA ALA A 240 -11.36 -15.46 12.89
C ALA A 240 -10.96 -13.99 12.85
N PHE A 241 -10.49 -13.55 11.69
CA PHE A 241 -10.07 -12.18 11.48
C PHE A 241 -11.21 -11.22 11.86
N LYS A 242 -12.42 -11.51 11.39
CA LYS A 242 -13.57 -10.65 11.69
C LYS A 242 -13.94 -10.69 13.17
N ASP A 243 -13.89 -11.88 13.77
CA ASP A 243 -14.22 -12.02 15.18
C ASP A 243 -13.18 -11.33 16.07
N TRP A 244 -11.92 -11.45 15.67
CA TRP A 244 -10.83 -10.84 16.42
C TRP A 244 -10.90 -9.32 16.29
N GLY A 245 -11.29 -8.85 15.11
CA GLY A 245 -11.38 -7.42 14.89
C GLY A 245 -12.44 -6.77 15.77
N TYR A 246 -13.60 -7.41 15.84
CA TYR A 246 -14.71 -6.92 16.65
C TYR A 246 -14.34 -6.99 18.12
N GLN A 247 -13.69 -8.08 18.51
CA GLN A 247 -13.27 -8.27 19.89
C GLN A 247 -12.30 -7.19 20.36
N LEU A 248 -11.39 -6.80 19.48
CA LEU A 248 -10.41 -5.77 19.81
C LEU A 248 -11.09 -4.41 19.99
N ALA A 249 -12.07 -4.11 19.13
CA ALA A 249 -12.80 -2.85 19.21
C ALA A 249 -13.52 -2.75 20.55
N ARG A 250 -13.96 -3.89 21.07
CA ARG A 250 -14.67 -3.93 22.34
C ARG A 250 -13.70 -3.86 23.52
N GLU A 251 -12.68 -4.71 23.47
CA GLU A 251 -11.70 -4.79 24.54
C GLU A 251 -10.70 -3.65 24.63
N GLU A 252 -10.39 -3.01 23.51
CA GLU A 252 -9.41 -1.92 23.52
C GLU A 252 -9.95 -0.55 23.19
N PHE A 253 -11.13 -0.49 22.58
CA PHE A 253 -11.68 0.81 22.21
C PHE A 253 -13.08 1.05 22.76
N GLY A 254 -13.48 0.22 23.71
CA GLY A 254 -14.79 0.36 24.32
C GLY A 254 -15.92 0.24 23.32
N GLY A 255 -15.75 -0.67 22.36
CA GLY A 255 -16.77 -0.88 21.35
C GLY A 255 -18.10 -1.22 21.99
N GLU A 256 -19.14 -0.51 21.57
CA GLU A 256 -20.46 -0.74 22.12
C GLU A 256 -21.46 -1.26 21.09
N LEU A 257 -22.21 -2.25 21.52
CA LEU A 257 -23.22 -2.88 20.69
C LEU A 257 -24.17 -1.86 20.05
N ILE A 258 -24.45 -2.02 18.77
CA ILE A 258 -25.39 -1.16 18.07
C ILE A 258 -26.57 -2.07 17.77
N ASP A 259 -27.76 -1.70 18.25
CA ASP A 259 -28.94 -2.54 18.05
C ASP A 259 -28.61 -3.88 18.70
N GLY A 260 -29.01 -4.98 18.06
CA GLY A 260 -28.71 -6.28 18.61
C GLY A 260 -27.41 -6.77 18.01
N GLY A 261 -26.63 -5.83 17.48
CA GLY A 261 -25.37 -6.19 16.87
C GLY A 261 -25.59 -6.62 15.43
N PRO A 262 -24.57 -7.14 14.74
CA PRO A 262 -23.20 -7.34 15.25
C PRO A 262 -22.38 -6.07 15.26
N TRP A 263 -22.86 -5.03 14.59
CA TRP A 263 -22.13 -3.78 14.52
C TRP A 263 -21.89 -3.15 15.88
N LEU A 264 -20.75 -2.47 16.00
CA LEU A 264 -20.38 -1.80 17.23
C LEU A 264 -20.22 -0.32 16.93
N LYS A 265 -20.16 0.47 17.99
CA LYS A 265 -19.96 1.90 17.85
C LYS A 265 -18.83 2.25 18.80
N VAL A 266 -17.85 2.98 18.28
CA VAL A 266 -16.71 3.39 19.09
C VAL A 266 -16.73 4.91 19.13
N LYS A 267 -16.72 5.47 20.33
CA LYS A 267 -16.74 6.92 20.50
C LYS A 267 -15.36 7.51 20.29
N ASN A 268 -15.27 8.45 19.36
CA ASN A 268 -14.00 9.11 19.09
C ASN A 268 -13.63 9.92 20.34
N PRO A 269 -12.56 9.52 21.03
CA PRO A 269 -12.15 10.23 22.24
C PRO A 269 -11.89 11.71 21.99
N ASN A 270 -11.49 12.03 20.77
CA ASN A 270 -11.20 13.41 20.43
C ASN A 270 -12.43 14.21 19.99
N THR A 271 -13.04 13.81 18.88
CA THR A 271 -14.21 14.53 18.36
C THR A 271 -15.55 14.11 18.93
N GLY A 272 -15.55 13.16 19.87
CA GLY A 272 -16.79 12.71 20.45
C GLY A 272 -17.74 12.04 19.48
N LYS A 273 -17.32 11.95 18.21
CA LYS A 273 -18.14 11.31 17.19
C LYS A 273 -18.12 9.80 17.38
N GLU A 274 -19.23 9.15 17.07
CA GLU A 274 -19.30 7.70 17.22
C GLU A 274 -18.90 7.04 15.90
N ILE A 275 -17.87 6.20 15.96
CA ILE A 275 -17.37 5.48 14.80
C ILE A 275 -18.05 4.13 14.69
N VAL A 276 -18.56 3.82 13.51
CA VAL A 276 -19.24 2.53 13.29
C VAL A 276 -18.27 1.43 12.91
N ILE A 277 -18.36 0.31 13.62
CA ILE A 277 -17.51 -0.86 13.34
C ILE A 277 -18.44 -1.93 12.78
N LYS A 278 -18.33 -2.21 11.48
CA LYS A 278 -19.18 -3.21 10.86
C LYS A 278 -18.35 -4.19 10.03
N ASP A 279 -19.02 -5.09 9.32
CA ASP A 279 -18.32 -6.06 8.49
C ASP A 279 -19.15 -6.42 7.29
N VAL A 280 -18.49 -6.81 6.20
CA VAL A 280 -19.20 -7.17 4.98
C VAL A 280 -18.48 -8.34 4.33
N ILE A 281 -19.24 -9.27 3.74
CA ILE A 281 -18.65 -10.41 3.03
C ILE A 281 -17.97 -9.87 1.79
N ALA A 282 -16.74 -10.33 1.56
CA ALA A 282 -15.90 -9.89 0.45
C ALA A 282 -16.54 -9.77 -0.94
N ASP A 283 -17.24 -10.81 -1.39
CA ASP A 283 -17.85 -10.75 -2.71
C ASP A 283 -18.89 -9.65 -2.74
N ALA A 284 -19.73 -9.61 -1.70
CA ALA A 284 -20.76 -8.59 -1.61
C ALA A 284 -20.14 -7.20 -1.54
N PHE A 285 -19.02 -7.08 -0.82
CA PHE A 285 -18.34 -5.80 -0.69
C PHE A 285 -17.92 -5.24 -2.06
N LEU A 286 -17.58 -6.12 -2.99
CA LEU A 286 -17.15 -5.69 -4.31
C LEU A 286 -18.29 -5.06 -5.10
N GLN A 287 -19.52 -5.34 -4.72
CA GLN A 287 -20.67 -4.72 -5.38
C GLN A 287 -20.99 -3.44 -4.61
N GLN A 288 -20.85 -3.51 -3.28
CA GLN A 288 -21.14 -2.38 -2.41
C GLN A 288 -20.31 -1.14 -2.70
N ILE A 289 -19.01 -1.30 -2.95
CA ILE A 289 -18.16 -0.14 -3.23
C ILE A 289 -18.56 0.55 -4.53
N LEU A 290 -19.26 -0.17 -5.38
CA LEU A 290 -19.69 0.36 -6.67
C LEU A 290 -21.10 0.93 -6.58
N LEU A 291 -21.97 0.25 -5.84
CA LEU A 291 -23.36 0.68 -5.70
C LEU A 291 -23.67 1.58 -4.51
N ARG A 292 -22.86 1.50 -3.45
CA ARG A 292 -23.07 2.33 -2.26
C ARG A 292 -21.75 2.78 -1.64
N PRO A 293 -20.88 3.40 -2.44
CA PRO A 293 -19.57 3.88 -1.98
C PRO A 293 -19.59 4.77 -0.76
N ALA A 294 -20.50 5.73 -0.74
CA ALA A 294 -20.61 6.67 0.36
C ALA A 294 -20.75 5.98 1.71
N GLU A 295 -21.21 4.73 1.72
CA GLU A 295 -21.39 4.00 2.96
C GLU A 295 -20.13 3.38 3.55
N TYR A 296 -19.00 3.53 2.86
CA TYR A 296 -17.75 2.96 3.36
C TYR A 296 -16.65 4.00 3.50
N ASP A 297 -15.80 3.79 4.49
CA ASP A 297 -14.70 4.71 4.81
C ASP A 297 -13.38 3.97 4.95
N VAL A 298 -13.02 3.63 6.19
CA VAL A 298 -11.78 2.91 6.43
C VAL A 298 -12.09 1.40 6.29
N ILE A 299 -11.21 0.68 5.61
CA ILE A 299 -11.39 -0.74 5.39
C ILE A 299 -10.26 -1.53 6.04
N ALA A 300 -10.62 -2.54 6.84
CA ALA A 300 -9.63 -3.41 7.48
C ALA A 300 -9.87 -4.78 6.88
N CYS A 301 -8.85 -5.35 6.25
CA CYS A 301 -9.00 -6.65 5.63
C CYS A 301 -7.68 -7.41 5.59
N MET A 302 -7.76 -8.68 5.22
CA MET A 302 -6.59 -9.53 5.13
C MET A 302 -5.77 -9.26 3.88
N ASN A 303 -4.58 -9.82 3.85
CA ASN A 303 -3.63 -9.64 2.75
C ASN A 303 -4.21 -9.77 1.33
N LEU A 304 -4.69 -10.96 0.99
CA LEU A 304 -5.21 -11.16 -0.35
C LEU A 304 -6.42 -10.28 -0.68
N ASN A 305 -7.38 -10.23 0.23
CA ASN A 305 -8.57 -9.41 0.02
C ASN A 305 -8.20 -7.95 -0.20
N GLY A 306 -7.21 -7.48 0.56
CA GLY A 306 -6.78 -6.10 0.43
C GLY A 306 -6.15 -5.81 -0.92
N ASP A 307 -5.43 -6.79 -1.44
CA ASP A 307 -4.78 -6.66 -2.73
C ASP A 307 -5.84 -6.46 -3.80
N TYR A 308 -6.92 -7.25 -3.72
CA TYR A 308 -8.00 -7.15 -4.69
C TYR A 308 -8.79 -5.85 -4.54
N ILE A 309 -9.13 -5.49 -3.31
CA ILE A 309 -9.91 -4.28 -3.07
C ILE A 309 -9.15 -3.03 -3.49
N SER A 310 -7.83 -3.04 -3.32
CA SER A 310 -7.01 -1.89 -3.70
C SER A 310 -7.20 -1.52 -5.17
N ASP A 311 -7.13 -2.52 -6.04
CA ASP A 311 -7.27 -2.31 -7.49
C ASP A 311 -8.71 -2.01 -7.92
N ALA A 312 -9.67 -2.66 -7.29
CA ALA A 312 -11.07 -2.44 -7.61
C ALA A 312 -11.50 -1.01 -7.27
N LEU A 313 -11.02 -0.49 -6.15
CA LEU A 313 -11.35 0.86 -5.73
C LEU A 313 -10.63 1.88 -6.59
N ALA A 314 -9.35 1.67 -6.84
CA ALA A 314 -8.56 2.58 -7.65
C ALA A 314 -9.19 2.81 -9.01
N ALA A 315 -9.61 1.74 -9.67
CA ALA A 315 -10.22 1.86 -10.99
C ALA A 315 -11.46 2.75 -10.95
N GLN A 316 -12.05 2.89 -9.77
CA GLN A 316 -13.25 3.71 -9.58
C GLN A 316 -12.98 5.21 -9.65
N VAL A 317 -11.78 5.62 -9.25
CA VAL A 317 -11.43 7.04 -9.24
C VAL A 317 -10.32 7.43 -10.21
N GLY A 318 -10.21 6.74 -11.34
CA GLY A 318 -9.17 7.09 -12.29
C GLY A 318 -8.21 5.98 -12.65
N GLY A 319 -8.17 4.93 -11.84
CA GLY A 319 -7.27 3.83 -12.14
C GLY A 319 -6.02 3.79 -11.27
N ILE A 320 -5.23 2.76 -11.50
CA ILE A 320 -4.00 2.54 -10.73
C ILE A 320 -2.91 3.57 -11.00
N GLY A 321 -3.17 4.49 -11.92
CA GLY A 321 -2.20 5.53 -12.23
C GLY A 321 -2.24 6.61 -11.17
N ILE A 322 -3.27 6.59 -10.34
CA ILE A 322 -3.43 7.56 -9.27
C ILE A 322 -3.78 6.84 -7.97
N ALA A 323 -3.06 5.76 -7.70
CA ALA A 323 -3.29 4.97 -6.50
C ALA A 323 -2.01 4.78 -5.65
N PRO A 324 -1.85 5.61 -4.61
CA PRO A 324 -0.68 5.53 -3.72
C PRO A 324 -0.80 4.49 -2.61
N GLY A 325 0.30 4.27 -1.90
CA GLY A 325 0.29 3.32 -0.80
C GLY A 325 1.54 3.40 0.05
N ALA A 326 1.51 2.71 1.19
CA ALA A 326 2.65 2.70 2.09
C ALA A 326 2.68 1.39 2.86
N ASN A 327 3.89 0.90 3.12
CA ASN A 327 4.07 -0.32 3.90
C ASN A 327 4.62 0.18 5.21
N ILE A 328 3.79 0.09 6.25
CA ILE A 328 4.17 0.59 7.56
C ILE A 328 4.34 -0.44 8.65
N GLY A 329 5.45 -0.32 9.36
CA GLY A 329 5.75 -1.23 10.46
C GLY A 329 5.98 -0.39 11.71
N ASP A 330 6.43 -1.04 12.78
CA ASP A 330 6.68 -0.34 14.04
C ASP A 330 8.01 0.41 14.07
N GLU A 331 8.99 -0.05 13.30
CA GLU A 331 10.30 0.59 13.28
C GLU A 331 10.58 1.44 12.04
N CYS A 332 9.93 1.13 10.92
CA CYS A 332 10.12 1.92 9.70
C CYS A 332 8.93 1.87 8.75
N ALA A 333 9.06 2.56 7.62
CA ALA A 333 7.99 2.61 6.63
C ALA A 333 8.57 2.73 5.23
N LEU A 334 7.98 1.99 4.30
CA LEU A 334 8.42 1.97 2.91
C LEU A 334 7.23 2.35 2.05
N PHE A 335 7.30 3.53 1.43
CA PHE A 335 6.22 3.99 0.59
C PHE A 335 6.37 3.48 -0.84
N GLU A 336 5.25 3.12 -1.45
CA GLU A 336 5.24 2.60 -2.80
C GLU A 336 3.85 2.65 -3.41
N ALA A 337 3.79 2.84 -4.72
CA ALA A 337 2.52 2.89 -5.44
C ALA A 337 1.93 1.49 -5.55
N THR A 338 0.63 1.40 -5.76
CA THR A 338 -0.04 0.12 -5.88
C THR A 338 0.32 -0.60 -7.19
N HIS A 339 0.63 0.17 -8.23
CA HIS A 339 0.94 -0.39 -9.53
C HIS A 339 2.27 -1.11 -9.68
N GLY A 340 2.40 -1.83 -10.81
CA GLY A 340 3.59 -2.60 -11.08
C GLY A 340 4.61 -1.95 -12.01
N THR A 341 5.42 -2.79 -12.65
CA THR A 341 6.48 -2.32 -13.54
C THR A 341 6.06 -2.13 -15.00
N ALA A 342 4.82 -2.51 -15.31
CA ALA A 342 4.28 -2.37 -16.66
C ALA A 342 5.40 -2.28 -17.69
N PRO A 343 6.08 -3.41 -17.95
CA PRO A 343 7.19 -3.44 -18.93
C PRO A 343 6.70 -3.05 -20.31
N LYS A 344 5.40 -3.28 -20.54
CA LYS A 344 4.78 -2.95 -21.81
C LYS A 344 5.05 -1.49 -22.14
N TYR A 345 4.90 -0.62 -21.15
CA TYR A 345 5.11 0.82 -21.34
C TYR A 345 6.47 1.29 -20.83
N ALA A 346 7.14 0.43 -20.08
CA ALA A 346 8.45 0.75 -19.50
C ALA A 346 9.36 1.55 -20.42
N GLY A 347 10.13 2.46 -19.83
CA GLY A 347 11.07 3.28 -20.58
C GLY A 347 10.46 4.27 -21.56
N GLN A 348 9.14 4.21 -21.77
CA GLN A 348 8.49 5.11 -22.71
C GLN A 348 8.15 6.50 -22.18
N ASP A 349 8.40 6.74 -20.88
CA ASP A 349 8.11 8.05 -20.29
C ASP A 349 6.69 8.41 -20.68
N LYS A 350 5.76 7.50 -20.42
CA LYS A 350 4.38 7.75 -20.78
C LYS A 350 3.38 7.42 -19.68
N VAL A 351 3.80 6.60 -18.72
CA VAL A 351 2.90 6.23 -17.63
C VAL A 351 2.63 7.40 -16.69
N ASN A 352 1.58 7.24 -15.89
CA ASN A 352 1.17 8.24 -14.94
C ASN A 352 2.03 8.14 -13.67
N PRO A 353 2.78 9.21 -13.34
CA PRO A 353 3.64 9.24 -12.15
C PRO A 353 2.85 9.61 -10.89
N GLY A 354 1.58 9.92 -11.07
CA GLY A 354 0.74 10.31 -9.96
C GLY A 354 0.74 9.36 -8.77
N SER A 355 0.79 8.06 -9.04
CA SER A 355 0.77 7.06 -7.97
C SER A 355 1.97 7.12 -7.03
N ILE A 356 3.18 7.07 -7.59
CA ILE A 356 4.37 7.15 -6.76
C ILE A 356 4.50 8.55 -6.15
N ILE A 357 3.99 9.55 -6.86
CA ILE A 357 4.04 10.92 -6.36
C ILE A 357 3.11 11.09 -5.16
N LEU A 358 1.92 10.50 -5.24
CA LEU A 358 0.97 10.59 -4.14
C LEU A 358 1.43 9.71 -2.97
N SER A 359 2.34 8.78 -3.25
CA SER A 359 2.90 7.91 -2.22
C SER A 359 3.96 8.75 -1.49
N ALA A 360 4.61 9.64 -2.23
CA ALA A 360 5.62 10.53 -1.66
C ALA A 360 4.89 11.57 -0.81
N GLU A 361 3.67 11.90 -1.21
CA GLU A 361 2.85 12.85 -0.48
C GLU A 361 2.50 12.23 0.88
N MET A 362 2.30 10.91 0.89
CA MET A 362 1.99 10.18 2.11
C MET A 362 3.23 10.15 2.97
N MET A 363 4.39 10.03 2.33
CA MET A 363 5.67 10.00 3.03
C MET A 363 5.92 11.33 3.74
N LEU A 364 5.69 12.42 3.02
CA LEU A 364 5.88 13.76 3.56
C LEU A 364 4.96 13.95 4.76
N ARG A 365 3.70 13.59 4.61
CA ARG A 365 2.74 13.72 5.70
C ARG A 365 3.26 12.91 6.88
N HIS A 366 3.74 11.71 6.58
CA HIS A 366 4.28 10.80 7.57
C HIS A 366 5.42 11.45 8.33
N MET A 367 6.24 12.23 7.63
CA MET A 367 7.38 12.91 8.27
C MET A 367 6.94 14.18 8.96
N GLY A 368 5.66 14.53 8.83
CA GLY A 368 5.16 15.73 9.46
C GLY A 368 5.32 16.98 8.61
N TRP A 369 5.77 16.80 7.37
CA TRP A 369 5.95 17.93 6.46
C TRP A 369 4.65 18.09 5.67
N THR A 370 3.56 18.29 6.40
CA THR A 370 2.24 18.43 5.80
C THR A 370 2.07 19.58 4.82
N GLU A 371 2.89 20.62 4.94
CA GLU A 371 2.79 21.75 4.02
C GLU A 371 3.28 21.32 2.64
N ALA A 372 4.42 20.64 2.60
CA ALA A 372 4.96 20.16 1.33
C ALA A 372 3.99 19.14 0.74
N ALA A 373 3.35 18.36 1.60
CA ALA A 373 2.40 17.36 1.18
C ALA A 373 1.19 18.04 0.54
N ASP A 374 0.76 19.15 1.14
CA ASP A 374 -0.39 19.89 0.65
C ASP A 374 -0.13 20.50 -0.73
N LEU A 375 1.11 20.90 -0.98
CA LEU A 375 1.45 21.49 -2.27
C LEU A 375 1.39 20.45 -3.39
N ILE A 376 1.72 19.20 -3.06
CA ILE A 376 1.66 18.12 -4.04
C ILE A 376 0.21 17.85 -4.41
N VAL A 377 -0.69 17.84 -3.43
CA VAL A 377 -2.10 17.62 -3.69
C VAL A 377 -2.65 18.74 -4.56
N LYS A 378 -2.26 19.96 -4.21
CA LYS A 378 -2.68 21.17 -4.93
C LYS A 378 -2.21 21.08 -6.39
N GLY A 379 -0.93 20.77 -6.59
CA GLY A 379 -0.39 20.64 -7.92
C GLY A 379 -1.09 19.55 -8.72
N MET A 380 -1.27 18.40 -8.10
CA MET A 380 -1.92 17.28 -8.76
C MET A 380 -3.33 17.68 -9.20
N GLU A 381 -4.11 18.25 -8.29
CA GLU A 381 -5.47 18.67 -8.61
C GLU A 381 -5.47 19.74 -9.70
N GLY A 382 -4.49 20.65 -9.64
CA GLY A 382 -4.41 21.71 -10.63
C GLY A 382 -4.12 21.20 -12.03
N ALA A 383 -3.14 20.31 -12.14
CA ALA A 383 -2.74 19.75 -13.43
C ALA A 383 -3.85 18.91 -14.07
N ILE A 384 -4.54 18.12 -13.25
CA ILE A 384 -5.62 17.29 -13.76
C ILE A 384 -6.78 18.16 -14.20
N ASN A 385 -7.09 19.18 -13.40
CA ASN A 385 -8.17 20.08 -13.75
C ASN A 385 -7.82 20.83 -15.04
N ALA A 386 -6.54 21.13 -15.23
CA ALA A 386 -6.08 21.82 -16.43
C ALA A 386 -6.16 20.86 -17.61
N LYS A 387 -6.62 19.64 -17.34
CA LYS A 387 -6.76 18.62 -18.37
C LYS A 387 -5.45 18.35 -19.11
N THR A 388 -4.34 18.57 -18.44
CA THR A 388 -3.02 18.29 -19.02
C THR A 388 -2.63 17.00 -18.30
N VAL A 389 -2.98 15.86 -18.89
CA VAL A 389 -2.70 14.58 -18.27
C VAL A 389 -2.01 13.52 -19.14
N THR A 390 -1.77 12.37 -18.52
CA THR A 390 -1.12 11.23 -19.17
C THR A 390 -2.14 10.29 -19.86
N TYR A 391 -1.63 9.41 -20.73
CA TYR A 391 -2.46 8.46 -21.47
C TYR A 391 -3.65 7.84 -20.73
N ASP A 392 -3.40 7.28 -19.56
CA ASP A 392 -4.46 6.63 -18.80
C ASP A 392 -5.64 7.52 -18.46
N PHE A 393 -5.42 8.82 -18.45
CA PHE A 393 -6.49 9.74 -18.12
C PHE A 393 -7.17 10.23 -19.40
N GLU A 394 -6.38 10.39 -20.46
CA GLU A 394 -6.91 10.84 -21.74
C GLU A 394 -8.16 10.03 -22.14
N ARG A 395 -8.18 8.74 -21.81
CA ARG A 395 -9.34 7.90 -22.11
C ARG A 395 -10.47 8.38 -21.20
N LEU A 396 -11.60 8.72 -21.82
CA LEU A 396 -12.75 9.24 -21.09
C LEU A 396 -12.42 10.70 -20.77
N MET A 397 -11.73 11.34 -21.70
CA MET A 397 -11.35 12.74 -21.54
C MET A 397 -11.38 13.48 -22.86
N ASP A 398 -12.43 14.27 -23.06
CA ASP A 398 -12.59 15.06 -24.27
C ASP A 398 -11.99 16.43 -24.00
N GLY A 399 -11.10 16.87 -24.88
CA GLY A 399 -10.50 18.18 -24.72
C GLY A 399 -9.27 18.14 -23.83
N ALA A 400 -8.90 16.94 -23.41
CA ALA A 400 -7.73 16.76 -22.56
C ALA A 400 -6.49 16.73 -23.44
N LYS A 401 -5.40 17.31 -22.96
CA LYS A 401 -4.15 17.34 -23.70
C LYS A 401 -3.23 16.26 -23.15
N LEU A 402 -2.69 15.42 -24.03
CA LEU A 402 -1.81 14.33 -23.62
C LEU A 402 -0.40 14.83 -23.28
N LEU A 403 0.08 14.44 -22.10
CA LEU A 403 1.40 14.83 -21.62
C LEU A 403 2.27 13.60 -21.38
N LYS A 404 3.59 13.77 -21.51
CA LYS A 404 4.51 12.69 -21.25
C LYS A 404 4.66 12.58 -19.73
N CYS A 405 5.16 11.45 -19.24
CA CYS A 405 5.33 11.25 -17.80
C CYS A 405 6.08 12.41 -17.15
N SER A 406 7.27 12.72 -17.64
CA SER A 406 8.06 13.80 -17.08
C SER A 406 7.32 15.12 -17.23
N GLU A 407 6.57 15.24 -18.31
CA GLU A 407 5.80 16.45 -18.59
C GLU A 407 4.74 16.67 -17.51
N PHE A 408 4.05 15.60 -17.15
CA PHE A 408 3.00 15.70 -16.12
C PHE A 408 3.60 16.13 -14.79
N GLY A 409 4.81 15.66 -14.50
CA GLY A 409 5.47 16.04 -13.26
C GLY A 409 5.64 17.55 -13.23
N ASP A 410 6.07 18.11 -14.36
CA ASP A 410 6.27 19.54 -14.48
C ASP A 410 4.95 20.29 -14.33
N ALA A 411 3.88 19.70 -14.84
CA ALA A 411 2.56 20.31 -14.76
C ALA A 411 2.13 20.40 -13.29
N ILE A 412 2.50 19.40 -12.51
CA ILE A 412 2.16 19.38 -11.09
C ILE A 412 2.88 20.54 -10.40
N ILE A 413 4.19 20.65 -10.65
CA ILE A 413 4.98 21.72 -10.06
C ILE A 413 4.45 23.09 -10.47
N GLU A 414 3.98 23.18 -11.71
CA GLU A 414 3.43 24.42 -12.24
C GLU A 414 2.15 24.86 -11.55
N ASN A 415 1.42 23.90 -10.98
CA ASN A 415 0.16 24.20 -10.31
C ASN A 415 0.25 24.24 -8.79
N MET A 416 1.47 24.17 -8.26
CA MET A 416 1.68 24.19 -6.82
C MET A 416 1.46 25.57 -6.19
C1 GOL B . 5.48 4.06 11.70
O1 GOL B . 4.05 4.61 12.19
C2 GOL B . 6.84 4.35 12.35
O2 GOL B . 6.77 4.21 13.69
C3 GOL B . 7.64 4.65 11.50
O3 GOL B . 8.28 4.96 10.10
C1 GOL C . 0.04 6.77 9.12
O1 GOL C . 1.05 7.39 8.03
C2 GOL C . 0.39 5.72 10.20
O2 GOL C . 1.60 5.98 10.76
C3 GOL C . -0.49 4.90 10.28
O3 GOL C . -1.84 4.15 10.01
C1 IPM D . 0.83 -5.14 -5.00
C2 IPM D . 1.17 -6.41 -5.82
C3 IPM D . 1.90 -7.48 -4.96
C4 IPM D . 0.91 -8.07 -3.91
C5 IPM D . 2.51 -8.62 -5.84
C6 IPM D . 3.34 -9.59 -5.00
C7 IPM D . 3.42 -8.04 -6.95
O1 IPM D . -0.01 -6.95 -6.43
O2 IPM D . 1.83 -4.43 -4.43
O3 IPM D . -0.46 -4.88 -4.67
O4 IPM D . 0.04 -9.04 -4.28
O5 IPM D . 0.71 -7.39 -2.75
PA NAP E . 0.98 -3.49 -13.52
O1A NAP E . 0.32 -2.67 -12.44
O2A NAP E . 2.43 -3.26 -13.88
O5B NAP E . 0.15 -3.32 -14.88
C5B NAP E . -1.26 -3.42 -14.95
C4B NAP E . -2.00 -2.35 -15.71
O4B NAP E . -2.38 -1.24 -14.85
C3B NAP E . -1.15 -1.63 -16.76
O3B NAP E . -0.82 -2.32 -17.95
C2B NAP E . -1.95 -0.31 -16.90
O2B NAP E . -3.30 -0.58 -17.41
C1B NAP E . -2.00 0.01 -15.40
N9A NAP E . -0.85 0.79 -14.84
C8A NAP E . 0.23 0.36 -14.12
N7A NAP E . 1.07 1.29 -13.78
C5A NAP E . 0.52 2.43 -14.31
C6A NAP E . 0.90 3.84 -14.33
N6A NAP E . 2.00 4.25 -13.73
N1A NAP E . 0.10 4.73 -14.96
C2A NAP E . -1.06 4.37 -15.61
N3A NAP E . -1.50 3.05 -15.64
C4A NAP E . -0.67 2.12 -14.98
O3 NAP E . 0.70 -5.05 -13.26
PN NAP E . 0.99 -6.36 -14.13
O1N NAP E . 1.12 -6.05 -15.62
O2N NAP E . 0.21 -7.55 -13.58
O5D NAP E . 2.54 -6.75 -13.74
C5D NAP E . 3.80 -6.45 -14.31
C4D NAP E . 4.89 -6.75 -13.31
O4D NAP E . 4.92 -5.86 -12.16
C3D NAP E . 4.96 -8.16 -12.71
O3D NAP E . 6.26 -8.73 -12.69
C2D NAP E . 4.27 -7.94 -11.33
O2D NAP E . 4.60 -8.94 -10.36
C1D NAP E . 4.67 -6.53 -10.96
N1N NAP E . 3.99 -5.86 -9.87
C2N NAP E . 4.78 -5.21 -8.89
C3N NAP E . 4.17 -4.34 -7.95
C7N NAP E . 4.93 -3.67 -6.93
O7N NAP E . 6.09 -3.27 -7.19
N7N NAP E . 4.44 -3.47 -5.71
C4N NAP E . 2.76 -4.13 -8.01
C5N NAP E . 1.97 -4.78 -9.00
C6N NAP E . 2.58 -5.65 -9.93
P2B NAP E . -3.74 -0.35 -18.97
O1X NAP E . -5.17 -0.79 -19.00
O2X NAP E . -2.78 -1.14 -19.78
O3X NAP E . -3.58 1.13 -19.10
MG MG F . -1.94 -5.60 -6.28
#